data_4YLR
#
_entry.id   4YLR
#
_cell.length_a   78.548
_cell.length_b   121.762
_cell.length_c   129.858
_cell.angle_alpha   90.000
_cell.angle_beta   90.000
_cell.angle_gamma   90.000
#
_symmetry.space_group_name_H-M   'C 2 2 21'
#
loop_
_entity.id
_entity.type
_entity.pdbx_description
1 polymer 'Tubulin polyglutamylase TTLL7'
2 non-polymer "ADENOSINE-5'-DIPHOSPHATE"
3 water water
#
_entity_poly.entity_id   1
_entity_poly.type   'polypeptide(L)'
_entity_poly.pdbx_seq_one_letter_code
;GSFTKKKGTITANVAGTKFEIVRLVIDEMGFMKTPDEDETSNLIWCDSAVQQEKISELQNYQRINHFPGMGEICRKDFLA
RNMTKMIKSRPLDYTFVPRTWIFPAEYTQFQNYVKELKKKRKQKTFIVKPANGAMGHGISLIRNGDKLPSQDHLIVQEYI
EKPFLMEGYKFDLRIYILVTSCDPLKIFLYHDGLVRMGTEKYIPPNESNLTQLYMHLTNYSVNKHNEHFERDETENKGSK
RSIKWFTEFLQANQHDVAKFWSDISELVVKTLIVAEPHVLHAYRMCRPGQPPGSESVCFEVLGFDILLDRKLKPWLLQIN
RAPSFGTDQKIDYDVKRGVLLNALKLLNIRTSDKRRNLAKQKAEAQRRLYGQNSIKRLLPGSSDWEQQRHQLERRKEELK
ERLAQVRKQISREEHENRHMGNYRRIYPPEDKALLEKYENLLAVAFQTFLSGRAASFQRELNNPLKRMKEEDILDLLEQC
EIDDEKL
;
_entity_poly.pdbx_strand_id   A
#
loop_
_chem_comp.id
_chem_comp.type
_chem_comp.name
_chem_comp.formula
ADP non-polymer ADENOSINE-5'-DIPHOSPHATE 'C10 H15 N5 O10 P2'
#
# COMPACT_ATOMS: atom_id res chain seq x y z
N THR A 9 27.55 13.02 13.20
CA THR A 9 27.46 11.73 12.51
C THR A 9 26.06 11.53 11.92
N ILE A 10 25.58 10.30 11.92
CA ILE A 10 24.24 10.01 11.45
C ILE A 10 23.24 10.10 12.61
N THR A 11 22.31 11.03 12.53
CA THR A 11 21.37 11.27 13.61
C THR A 11 19.93 10.98 13.19
N ALA A 12 19.03 10.98 14.17
CA ALA A 12 17.63 10.67 13.89
C ALA A 12 16.67 11.44 14.82
N ASN A 13 15.49 11.74 14.29
CA ASN A 13 14.44 12.41 15.05
C ASN A 13 13.19 11.55 15.14
N VAL A 14 13.06 10.83 16.26
CA VAL A 14 11.93 9.93 16.45
C VAL A 14 10.86 10.54 17.34
N ALA A 15 10.64 11.84 17.19
CA ALA A 15 9.63 12.54 17.97
C ALA A 15 8.24 12.25 17.44
N GLY A 16 8.14 11.90 16.17
CA GLY A 16 6.86 11.68 15.52
C GLY A 16 6.38 10.24 15.54
N THR A 17 7.04 9.40 16.34
CA THR A 17 6.63 8.00 16.46
C THR A 17 6.18 7.67 17.87
N LYS A 18 5.32 6.66 17.99
CA LYS A 18 4.82 6.22 19.28
C LYS A 18 5.08 4.73 19.46
N PHE A 19 5.71 4.12 18.46
CA PHE A 19 6.00 2.69 18.51
C PHE A 19 7.44 2.45 18.94
N GLU A 20 7.60 1.56 19.92
CA GLU A 20 8.91 1.29 20.50
C GLU A 20 9.84 0.55 19.53
N ILE A 21 9.26 -0.27 18.66
CA ILE A 21 10.06 -1.03 17.70
C ILE A 21 10.70 -0.09 16.67
N VAL A 22 10.05 1.05 16.42
CA VAL A 22 10.62 2.06 15.54
C VAL A 22 11.84 2.67 16.19
N ARG A 23 11.71 3.01 17.47
CA ARG A 23 12.82 3.57 18.23
C ARG A 23 13.91 2.52 18.44
N LEU A 24 13.49 1.27 18.68
CA LEU A 24 14.42 0.18 18.91
C LEU A 24 15.29 -0.08 17.69
N VAL A 25 14.65 -0.19 16.53
CA VAL A 25 15.35 -0.43 15.26
C VAL A 25 16.31 0.71 14.93
N ILE A 26 15.81 1.94 15.05
CA ILE A 26 16.61 3.13 14.77
C ILE A 26 17.81 3.20 15.71
N ASP A 27 17.61 2.80 16.97
CA ASP A 27 18.70 2.73 17.93
C ASP A 27 19.66 1.61 17.57
N GLU A 28 19.15 0.60 16.88
CA GLU A 28 19.93 -0.59 16.55
C GLU A 28 20.77 -0.38 15.30
N MET A 29 20.33 0.51 14.42
CA MET A 29 21.04 0.81 13.19
C MET A 29 22.28 1.67 13.44
N GLY A 30 22.29 2.37 14.58
CA GLY A 30 23.43 3.20 14.95
C GLY A 30 23.10 4.68 14.96
N PHE A 31 21.84 5.02 14.71
CA PHE A 31 21.40 6.40 14.73
C PHE A 31 21.50 6.99 16.13
N MET A 32 21.95 8.25 16.19
CA MET A 32 21.93 9.00 17.44
C MET A 32 20.64 9.80 17.53
N LYS A 33 19.85 9.56 18.57
CA LYS A 33 18.60 10.27 18.74
C LYS A 33 18.84 11.73 19.12
N THR A 34 18.23 12.63 18.36
CA THR A 34 18.30 14.06 18.63
C THR A 34 17.16 14.47 19.56
N PRO A 35 17.28 15.63 20.21
CA PRO A 35 16.11 16.18 20.91
C PRO A 35 14.98 16.42 19.92
N ASP A 36 13.73 16.39 20.38
CA ASP A 36 12.57 16.45 19.50
C ASP A 36 12.51 17.71 18.63
N GLU A 37 13.10 18.81 19.13
CA GLU A 37 13.03 20.08 18.44
C GLU A 37 14.11 20.21 17.35
N ASP A 38 14.94 19.19 17.22
CA ASP A 38 16.05 19.22 16.29
C ASP A 38 15.63 18.79 14.88
N GLU A 39 15.70 19.73 13.94
CA GLU A 39 15.26 19.49 12.57
C GLU A 39 16.44 19.15 11.64
N THR A 40 17.63 19.03 12.22
CA THR A 40 18.85 18.79 11.45
C THR A 40 19.02 17.32 11.12
N SER A 41 18.37 16.46 11.91
CA SER A 41 18.52 15.00 11.83
C SER A 41 18.52 14.43 10.41
N ASN A 42 19.41 13.49 10.17
CA ASN A 42 19.49 12.81 8.88
C ASN A 42 18.21 12.06 8.58
N LEU A 43 17.67 11.39 9.59
CA LEU A 43 16.43 10.64 9.45
C LEU A 43 15.33 11.27 10.29
N ILE A 44 14.15 11.43 9.69
CA ILE A 44 13.00 11.96 10.40
C ILE A 44 11.83 10.99 10.28
N TRP A 45 11.41 10.42 11.41
CA TRP A 45 10.33 9.45 11.39
C TRP A 45 9.04 9.97 12.02
N CYS A 46 7.95 9.86 11.27
CA CYS A 46 6.62 10.19 11.79
C CYS A 46 5.64 9.09 11.42
N ASP A 47 4.79 8.71 12.36
CA ASP A 47 3.82 7.65 12.13
C ASP A 47 2.77 8.08 11.12
N SER A 48 2.02 9.12 11.45
CA SER A 48 0.98 9.64 10.56
C SER A 48 1.58 10.40 9.39
N ALA A 49 0.74 10.72 8.41
CA ALA A 49 1.19 11.47 7.24
C ALA A 49 1.65 12.87 7.63
N VAL A 50 2.61 13.41 6.89
CA VAL A 50 3.16 14.72 7.21
C VAL A 50 2.57 15.81 6.33
N GLN A 51 2.59 17.05 6.84
CA GLN A 51 2.20 18.21 6.05
C GLN A 51 3.22 18.42 4.94
N GLN A 52 2.75 18.85 3.77
CA GLN A 52 3.64 19.03 2.63
C GLN A 52 4.68 20.11 2.88
N GLU A 53 4.35 21.06 3.75
CA GLU A 53 5.27 22.13 4.10
C GLU A 53 6.47 21.60 4.87
N LYS A 54 6.24 20.57 5.69
CA LYS A 54 7.30 19.94 6.46
C LYS A 54 8.31 19.25 5.54
N ILE A 55 7.80 18.66 4.46
CA ILE A 55 8.65 18.02 3.47
C ILE A 55 9.43 19.07 2.68
N SER A 56 8.80 20.23 2.48
CA SER A 56 9.42 21.32 1.75
C SER A 56 10.56 21.98 2.53
N GLU A 57 10.58 21.74 3.84
CA GLU A 57 11.57 22.36 4.71
C GLU A 57 12.83 21.52 4.87
N LEU A 58 12.79 20.28 4.36
CA LEU A 58 13.92 19.38 4.48
C LEU A 58 15.13 19.85 3.68
N GLN A 59 16.31 19.40 4.09
CA GLN A 59 17.51 19.61 3.30
C GLN A 59 17.81 18.34 2.52
N ASN A 60 18.60 18.47 1.45
CA ASN A 60 18.80 17.37 0.50
C ASN A 60 19.46 16.12 1.10
N TYR A 61 20.02 16.24 2.31
CA TYR A 61 20.66 15.10 2.95
C TYR A 61 19.67 14.36 3.86
N GLN A 62 18.58 15.03 4.22
CA GLN A 62 17.60 14.45 5.15
C GLN A 62 16.69 13.43 4.47
N ARG A 63 16.18 12.51 5.28
CA ARG A 63 15.27 11.47 4.81
C ARG A 63 14.05 11.37 5.73
N ILE A 64 12.86 11.47 5.15
CA ILE A 64 11.63 11.36 5.93
C ILE A 64 10.76 10.21 5.38
N ASN A 65 10.03 9.56 6.28
CA ASN A 65 9.32 8.32 5.94
C ASN A 65 7.94 8.49 5.33
N HIS A 66 7.75 9.56 4.54
CA HIS A 66 6.46 9.78 3.87
C HIS A 66 6.61 10.53 2.56
N PHE A 67 5.92 10.06 1.53
CA PHE A 67 5.81 10.78 0.25
C PHE A 67 4.63 11.73 0.27
N PRO A 68 4.77 12.90 -0.36
CA PRO A 68 3.64 13.81 -0.51
C PRO A 68 2.71 13.39 -1.65
N GLY A 69 1.42 13.38 -1.40
CA GLY A 69 0.44 13.02 -2.42
C GLY A 69 0.11 11.54 -2.43
N MET A 70 0.58 10.81 -1.43
CA MET A 70 0.32 9.37 -1.34
C MET A 70 -1.12 9.11 -0.91
N GLY A 71 -1.79 10.15 -0.43
CA GLY A 71 -3.17 10.04 0.02
C GLY A 71 -4.14 9.76 -1.11
N GLU A 72 -3.66 9.86 -2.35
CA GLU A 72 -4.48 9.58 -3.53
C GLU A 72 -4.75 8.08 -3.66
N ILE A 73 -3.90 7.27 -3.04
CA ILE A 73 -4.08 5.82 -3.08
C ILE A 73 -4.36 5.25 -1.69
N CYS A 74 -4.16 6.07 -0.66
CA CYS A 74 -4.38 5.64 0.72
C CYS A 74 -5.81 5.90 1.16
N ARG A 75 -6.35 7.07 0.82
CA ARG A 75 -7.75 7.37 1.09
C ARG A 75 -8.62 6.49 0.20
N LYS A 76 -9.54 5.76 0.83
CA LYS A 76 -10.36 4.79 0.12
C LYS A 76 -11.23 5.42 -0.97
N ASP A 77 -11.64 6.68 -0.75
CA ASP A 77 -12.43 7.39 -1.73
C ASP A 77 -11.57 7.86 -2.91
N PHE A 78 -10.38 8.37 -2.60
CA PHE A 78 -9.44 8.79 -3.64
C PHE A 78 -8.95 7.57 -4.43
N LEU A 79 -8.68 6.49 -3.71
CA LEU A 79 -8.23 5.24 -4.33
C LEU A 79 -9.27 4.71 -5.29
N ALA A 80 -10.54 4.82 -4.91
CA ALA A 80 -11.65 4.34 -5.73
C ALA A 80 -11.80 5.16 -7.01
N ARG A 81 -11.71 6.47 -6.87
CA ARG A 81 -11.88 7.38 -8.00
C ARG A 81 -10.75 7.24 -9.01
N ASN A 82 -9.52 7.17 -8.51
CA ASN A 82 -8.35 7.06 -9.38
C ASN A 82 -8.27 5.71 -10.09
N MET A 83 -8.56 4.63 -9.36
CA MET A 83 -8.58 3.31 -9.95
C MET A 83 -9.68 3.21 -11.00
N THR A 84 -10.81 3.87 -10.74
CA THR A 84 -11.92 3.89 -11.68
C THR A 84 -11.52 4.54 -13.00
N LYS A 85 -10.83 5.68 -12.91
CA LYS A 85 -10.33 6.36 -14.10
C LYS A 85 -9.30 5.51 -14.83
N MET A 86 -8.71 4.55 -14.11
CA MET A 86 -7.69 3.69 -14.68
C MET A 86 -8.31 2.45 -15.31
N ILE A 87 -9.35 1.91 -14.67
CA ILE A 87 -10.07 0.75 -15.20
C ILE A 87 -10.68 1.09 -16.56
N LYS A 88 -11.19 2.31 -16.68
CA LYS A 88 -11.83 2.77 -17.92
C LYS A 88 -10.83 2.84 -19.06
N SER A 89 -9.55 2.98 -18.73
CA SER A 89 -8.49 3.06 -19.74
C SER A 89 -7.82 1.71 -19.94
N ARG A 90 -7.53 1.03 -18.83
CA ARG A 90 -6.87 -0.27 -18.87
C ARG A 90 -7.58 -1.28 -17.97
N PRO A 91 -8.67 -1.89 -18.47
CA PRO A 91 -9.46 -2.84 -17.68
C PRO A 91 -8.76 -4.18 -17.48
N LEU A 92 -8.03 -4.64 -18.49
CA LEU A 92 -7.38 -5.95 -18.44
C LEU A 92 -6.22 -5.98 -17.45
N ASP A 93 -5.59 -4.82 -17.26
CA ASP A 93 -4.44 -4.72 -16.35
C ASP A 93 -4.88 -4.56 -14.90
N TYR A 94 -6.02 -3.91 -14.71
CA TYR A 94 -6.50 -3.63 -13.36
C TYR A 94 -7.79 -4.38 -13.02
N THR A 95 -7.64 -5.65 -12.68
CA THR A 95 -8.78 -6.49 -12.30
C THR A 95 -8.74 -6.86 -10.83
N PHE A 96 -7.69 -6.40 -10.14
CA PHE A 96 -7.49 -6.74 -8.73
C PHE A 96 -8.24 -5.79 -7.81
N VAL A 97 -9.03 -4.89 -8.38
CA VAL A 97 -9.82 -3.95 -7.59
C VAL A 97 -11.31 -4.25 -7.74
N PRO A 98 -11.95 -4.60 -6.62
CA PRO A 98 -13.41 -4.83 -6.62
C PRO A 98 -14.16 -3.55 -6.94
N ARG A 99 -15.27 -3.66 -7.66
CA ARG A 99 -16.07 -2.50 -8.04
C ARG A 99 -16.43 -1.66 -6.82
N THR A 100 -16.20 -0.36 -6.92
CA THR A 100 -16.40 0.54 -5.79
C THR A 100 -17.24 1.76 -6.17
N TRP A 101 -18.17 2.13 -5.28
CA TRP A 101 -19.05 3.26 -5.53
C TRP A 101 -18.95 4.29 -4.40
N ILE A 102 -18.50 5.49 -4.72
CA ILE A 102 -18.33 6.55 -3.73
C ILE A 102 -19.63 7.32 -3.50
N PHE A 103 -20.03 7.41 -2.24
CA PHE A 103 -21.24 8.13 -1.87
C PHE A 103 -20.89 9.43 -1.16
N PRO A 104 -21.75 10.45 -1.27
CA PRO A 104 -23.01 10.46 -2.01
C PRO A 104 -22.85 10.98 -3.44
N ALA A 105 -21.86 10.45 -4.15
CA ALA A 105 -21.59 10.88 -5.52
C ALA A 105 -22.12 9.89 -6.54
N GLU A 106 -21.82 8.61 -6.33
CA GLU A 106 -22.22 7.57 -7.27
C GLU A 106 -23.42 6.80 -6.77
N TYR A 107 -24.39 7.52 -6.22
CA TYR A 107 -25.61 6.89 -5.72
C TYR A 107 -26.47 6.39 -6.88
N THR A 108 -26.76 7.28 -7.82
CA THR A 108 -27.59 6.94 -8.98
C THR A 108 -26.94 5.90 -9.85
N GLN A 109 -25.62 6.01 -10.03
CA GLN A 109 -24.88 5.03 -10.81
C GLN A 109 -24.96 3.64 -10.19
N PHE A 110 -24.94 3.59 -8.85
CA PHE A 110 -25.01 2.32 -8.12
C PHE A 110 -26.40 1.71 -8.20
N GLN A 111 -27.42 2.56 -8.17
CA GLN A 111 -28.80 2.09 -8.28
C GLN A 111 -29.05 1.45 -9.63
N ASN A 112 -28.44 1.99 -10.68
CA ASN A 112 -28.61 1.46 -12.02
C ASN A 112 -28.00 0.07 -12.16
N TYR A 113 -26.88 -0.15 -11.50
CA TYR A 113 -26.22 -1.46 -11.52
C TYR A 113 -27.09 -2.50 -10.83
N VAL A 114 -27.80 -2.08 -9.79
CA VAL A 114 -28.73 -2.96 -9.09
C VAL A 114 -29.96 -3.24 -9.95
N LYS A 115 -30.36 -2.25 -10.74
CA LYS A 115 -31.52 -2.38 -11.62
C LYS A 115 -31.27 -3.45 -12.69
N GLU A 116 -30.09 -3.41 -13.29
CA GLU A 116 -29.73 -4.39 -14.30
C GLU A 116 -29.59 -5.78 -13.69
N LEU A 117 -29.01 -5.84 -12.50
CA LEU A 117 -28.83 -7.10 -11.79
C LEU A 117 -30.17 -7.72 -11.41
N LYS A 118 -31.15 -6.87 -11.14
CA LYS A 118 -32.49 -7.34 -10.78
C LYS A 118 -33.20 -7.95 -11.98
N LYS A 119 -33.12 -7.26 -13.12
CA LYS A 119 -33.75 -7.73 -14.34
C LYS A 119 -33.10 -9.01 -14.85
N LYS A 120 -31.81 -9.15 -14.57
CA LYS A 120 -31.07 -10.34 -14.99
C LYS A 120 -31.26 -11.49 -14.02
N ARG A 121 -32.11 -11.27 -13.01
CA ARG A 121 -32.42 -12.27 -11.99
C ARG A 121 -31.17 -12.76 -11.26
N LYS A 122 -30.14 -11.91 -11.21
CA LYS A 122 -28.89 -12.25 -10.54
C LYS A 122 -28.77 -11.50 -9.22
N GLN A 123 -27.95 -12.03 -8.32
CA GLN A 123 -27.78 -11.41 -7.00
C GLN A 123 -26.30 -11.29 -6.63
N LYS A 124 -25.96 -10.20 -5.95
CA LYS A 124 -24.60 -9.96 -5.47
C LYS A 124 -24.61 -9.32 -4.08
N THR A 125 -23.56 -9.56 -3.32
CA THR A 125 -23.41 -8.97 -2.00
C THR A 125 -22.54 -7.72 -2.08
N PHE A 126 -22.81 -6.75 -1.21
CA PHE A 126 -22.06 -5.51 -1.18
C PHE A 126 -21.67 -5.12 0.24
N ILE A 127 -20.43 -4.65 0.40
CA ILE A 127 -19.95 -4.21 1.70
C ILE A 127 -19.91 -2.69 1.77
N VAL A 128 -20.23 -2.14 2.93
CA VAL A 128 -20.26 -0.69 3.12
C VAL A 128 -19.16 -0.27 4.09
N LYS A 129 -18.24 0.58 3.64
CA LYS A 129 -17.11 1.00 4.46
C LYS A 129 -17.25 2.46 4.87
N PRO A 130 -16.68 2.80 6.04
CA PRO A 130 -16.71 4.15 6.62
C PRO A 130 -16.00 5.18 5.73
N ILE A 139 -19.13 -0.62 9.52
CA ILE A 139 -19.02 -1.49 8.36
C ILE A 139 -20.09 -2.57 8.37
N SER A 140 -20.84 -2.67 7.28
CA SER A 140 -21.91 -3.66 7.18
C SER A 140 -22.11 -4.16 5.76
N LEU A 141 -22.83 -5.27 5.63
CA LEU A 141 -23.13 -5.87 4.33
C LEU A 141 -24.50 -5.42 3.82
N ILE A 142 -24.78 -5.73 2.57
CA ILE A 142 -26.06 -5.41 1.96
C ILE A 142 -26.26 -6.19 0.67
N ARG A 143 -27.51 -6.53 0.37
CA ARG A 143 -27.81 -7.26 -0.85
C ARG A 143 -28.76 -6.47 -1.74
N ASN A 144 -28.65 -5.14 -1.66
CA ASN A 144 -29.45 -4.23 -2.47
C ASN A 144 -30.94 -4.48 -2.34
N SER A 150 -29.49 7.97 0.70
CA SER A 150 -28.63 8.52 1.73
C SER A 150 -27.74 9.63 1.18
N GLN A 151 -27.25 10.49 2.06
CA GLN A 151 -26.39 11.59 1.66
C GLN A 151 -25.15 11.67 2.55
N ASP A 152 -24.64 10.50 2.95
CA ASP A 152 -23.46 10.44 3.80
C ASP A 152 -22.22 10.06 2.99
N HIS A 153 -21.05 10.39 3.52
CA HIS A 153 -19.80 10.11 2.83
C HIS A 153 -19.32 8.69 3.08
N LEU A 154 -19.94 7.73 2.39
CA LEU A 154 -19.55 6.33 2.51
C LEU A 154 -19.14 5.78 1.15
N ILE A 155 -18.68 4.53 1.12
CA ILE A 155 -18.34 3.87 -0.12
C ILE A 155 -18.94 2.47 -0.19
N VAL A 156 -19.46 2.13 -1.37
CA VAL A 156 -20.04 0.81 -1.61
C VAL A 156 -19.11 -0.02 -2.48
N GLN A 157 -18.84 -1.25 -2.05
CA GLN A 157 -17.91 -2.11 -2.77
C GLN A 157 -18.50 -3.51 -2.92
N GLU A 158 -18.25 -4.13 -4.08
CA GLU A 158 -18.71 -5.50 -4.30
C GLU A 158 -18.00 -6.44 -3.33
N TYR A 159 -18.74 -7.40 -2.80
CA TYR A 159 -18.20 -8.28 -1.77
C TYR A 159 -17.65 -9.57 -2.37
N ILE A 160 -16.35 -9.80 -2.21
CA ILE A 160 -15.76 -11.06 -2.61
C ILE A 160 -16.40 -12.18 -1.78
N GLU A 161 -17.31 -12.92 -2.40
CA GLU A 161 -18.13 -13.89 -1.68
C GLU A 161 -17.42 -15.22 -1.43
N LYS A 162 -16.49 -15.58 -2.31
CA LYS A 162 -15.73 -16.81 -2.15
C LYS A 162 -14.24 -16.55 -1.91
N PRO A 163 -13.88 -16.14 -0.69
CA PRO A 163 -12.49 -15.87 -0.33
C PRO A 163 -11.71 -17.16 -0.11
N PHE A 164 -10.39 -17.10 -0.22
CA PHE A 164 -9.56 -18.25 0.09
C PHE A 164 -9.68 -18.57 1.57
N LEU A 165 -10.16 -19.77 1.88
CA LEU A 165 -10.36 -20.15 3.27
C LEU A 165 -9.20 -20.98 3.79
N MET A 166 -8.80 -20.70 5.02
CA MET A 166 -7.72 -21.44 5.66
C MET A 166 -8.28 -22.27 6.80
N GLU A 167 -8.44 -23.57 6.53
CA GLU A 167 -9.11 -24.49 7.45
C GLU A 167 -10.53 -23.99 7.75
N GLY A 168 -11.21 -23.52 6.70
CA GLY A 168 -12.56 -23.02 6.83
C GLY A 168 -12.65 -21.62 7.41
N TYR A 169 -11.53 -20.91 7.38
CA TYR A 169 -11.48 -19.56 7.95
C TYR A 169 -11.07 -18.50 6.94
N LYS A 170 -11.81 -17.39 6.93
CA LYS A 170 -11.44 -16.23 6.14
C LYS A 170 -10.31 -15.47 6.83
N PHE A 171 -9.37 -14.95 6.03
CA PHE A 171 -8.23 -14.24 6.60
C PHE A 171 -7.84 -13.02 5.77
N ASP A 172 -7.07 -12.12 6.37
CA ASP A 172 -6.61 -10.92 5.69
C ASP A 172 -5.10 -10.92 5.54
N LEU A 173 -4.62 -10.37 4.42
CA LEU A 173 -3.19 -10.26 4.18
C LEU A 173 -2.71 -8.82 4.34
N ARG A 174 -1.71 -8.64 5.19
CA ARG A 174 -1.05 -7.35 5.35
C ARG A 174 0.40 -7.48 4.88
N ILE A 175 0.65 -7.00 3.67
CA ILE A 175 1.99 -6.97 3.11
C ILE A 175 2.60 -5.58 3.28
N TYR A 176 3.93 -5.51 3.36
CA TYR A 176 4.60 -4.25 3.57
C TYR A 176 5.41 -3.84 2.34
N ILE A 177 5.16 -2.61 1.87
CA ILE A 177 5.79 -2.10 0.67
C ILE A 177 6.73 -0.93 0.97
N LEU A 178 7.97 -1.04 0.52
CA LEU A 178 8.94 0.03 0.68
C LEU A 178 9.13 0.80 -0.63
N VAL A 179 8.71 2.05 -0.63
CA VAL A 179 8.96 2.93 -1.77
C VAL A 179 10.09 3.91 -1.40
N THR A 180 11.23 3.76 -2.05
CA THR A 180 12.40 4.57 -1.71
C THR A 180 12.49 5.83 -2.54
N SER A 181 11.86 5.84 -3.72
CA SER A 181 11.92 6.98 -4.61
C SER A 181 10.77 7.00 -5.60
N CYS A 182 10.35 8.20 -6.00
CA CYS A 182 9.32 8.35 -7.02
C CYS A 182 9.93 8.87 -8.31
N ASP A 183 11.24 9.15 -8.26
CA ASP A 183 11.96 9.68 -9.42
C ASP A 183 13.46 9.44 -9.29
N PRO A 184 13.96 8.32 -9.85
CA PRO A 184 13.17 7.29 -10.53
C PRO A 184 12.43 6.38 -9.57
N LEU A 185 11.31 5.81 -10.02
CA LEU A 185 10.47 4.99 -9.17
C LEU A 185 11.17 3.70 -8.74
N LYS A 186 11.23 3.48 -7.42
CA LYS A 186 11.82 2.26 -6.87
C LYS A 186 10.92 1.67 -5.80
N ILE A 187 10.43 0.46 -6.05
CA ILE A 187 9.47 -0.18 -5.16
C ILE A 187 9.99 -1.54 -4.67
N PHE A 188 9.92 -1.75 -3.36
CA PHE A 188 10.35 -3.00 -2.76
C PHE A 188 9.22 -3.72 -2.04
N LEU A 189 9.15 -5.03 -2.22
CA LEU A 189 8.15 -5.85 -1.54
C LEU A 189 8.79 -6.77 -0.51
N TYR A 190 8.38 -6.63 0.75
CA TYR A 190 8.88 -7.48 1.81
C TYR A 190 8.24 -8.86 1.73
N HIS A 191 9.07 -9.89 1.65
CA HIS A 191 8.56 -11.25 1.50
C HIS A 191 8.13 -11.87 2.83
N ASP A 192 7.39 -11.08 3.60
CA ASP A 192 6.75 -11.56 4.82
C ASP A 192 5.73 -10.51 5.25
N GLY A 193 4.81 -10.90 6.14
CA GLY A 193 3.78 -9.99 6.59
C GLY A 193 2.86 -10.60 7.63
N LEU A 194 1.70 -9.99 7.81
CA LEU A 194 0.74 -10.43 8.82
C LEU A 194 -0.48 -11.12 8.20
N VAL A 195 -0.93 -12.18 8.85
CA VAL A 195 -2.14 -12.87 8.46
C VAL A 195 -3.18 -12.81 9.58
N ARG A 196 -4.31 -12.18 9.31
CA ARG A 196 -5.35 -12.03 10.31
C ARG A 196 -6.54 -12.95 10.04
N MET A 197 -6.53 -14.12 10.68
CA MET A 197 -7.62 -15.07 10.53
C MET A 197 -8.87 -14.61 11.29
N GLY A 198 -10.03 -15.04 10.82
CA GLY A 198 -11.29 -14.65 11.44
C GLY A 198 -11.54 -15.40 12.74
N THR A 199 -12.50 -14.89 13.52
CA THR A 199 -12.84 -15.51 14.79
C THR A 199 -13.74 -16.73 14.59
N GLU A 200 -14.88 -16.51 13.94
CA GLU A 200 -15.80 -17.59 13.61
C GLU A 200 -15.62 -18.02 12.16
N LYS A 201 -15.90 -19.29 11.86
CA LYS A 201 -15.71 -19.81 10.51
C LYS A 201 -16.59 -19.07 9.50
N TYR A 202 -16.21 -19.15 8.24
CA TYR A 202 -16.84 -18.35 7.20
C TYR A 202 -17.99 -19.08 6.51
N ILE A 203 -18.98 -18.30 6.08
CA ILE A 203 -20.10 -18.80 5.30
C ILE A 203 -20.67 -17.67 4.46
N PRO A 204 -20.95 -17.94 3.18
CA PRO A 204 -21.50 -16.94 2.25
C PRO A 204 -22.83 -16.37 2.74
N GLY A 238 -9.28 -12.78 16.82
CA GLY A 238 -8.54 -12.76 15.58
C GLY A 238 -7.13 -13.33 15.73
N SER A 239 -6.95 -14.58 15.31
CA SER A 239 -5.64 -15.23 15.39
C SER A 239 -4.69 -14.67 14.34
N LYS A 240 -3.50 -14.27 14.79
CA LYS A 240 -2.50 -13.71 13.90
C LYS A 240 -1.44 -14.75 13.49
N ARG A 241 -1.07 -14.72 12.22
CA ARG A 241 -0.02 -15.58 11.70
C ARG A 241 0.88 -14.80 10.74
N SER A 242 2.02 -15.39 10.37
CA SER A 242 2.94 -14.75 9.45
C SER A 242 2.72 -15.25 8.03
N ILE A 243 3.04 -14.40 7.06
CA ILE A 243 2.91 -14.76 5.65
C ILE A 243 3.87 -15.88 5.29
N LYS A 244 5.08 -15.82 5.85
CA LYS A 244 6.08 -16.87 5.68
C LYS A 244 5.50 -18.24 6.05
N TRP A 245 4.70 -18.25 7.12
CA TRP A 245 4.02 -19.46 7.54
C TRP A 245 2.91 -19.83 6.56
N PHE A 246 2.24 -18.81 6.03
CA PHE A 246 1.13 -19.02 5.10
C PHE A 246 1.62 -19.61 3.77
N THR A 247 2.82 -19.21 3.35
CA THR A 247 3.40 -19.75 2.13
C THR A 247 3.79 -21.21 2.32
N GLU A 248 4.24 -21.55 3.53
CA GLU A 248 4.56 -22.93 3.87
C GLU A 248 3.29 -23.77 3.90
N PHE A 249 2.17 -23.14 4.25
CA PHE A 249 0.88 -23.79 4.19
C PHE A 249 0.51 -24.07 2.73
N LEU A 250 0.67 -23.05 1.89
CA LEU A 250 0.37 -23.18 0.47
C LEU A 250 1.21 -24.26 -0.19
N GLN A 251 2.45 -24.41 0.27
CA GLN A 251 3.35 -25.41 -0.27
C GLN A 251 2.90 -26.82 0.11
N ALA A 252 2.54 -27.00 1.38
CA ALA A 252 2.08 -28.29 1.89
C ALA A 252 0.76 -28.68 1.24
N ASN A 253 -0.06 -27.69 0.93
CA ASN A 253 -1.32 -27.93 0.24
C ASN A 253 -1.17 -27.75 -1.26
N GLN A 254 0.09 -27.71 -1.70
CA GLN A 254 0.44 -27.71 -3.13
C GLN A 254 -0.22 -26.58 -3.91
N HIS A 255 0.11 -25.35 -3.55
CA HIS A 255 -0.31 -24.18 -4.32
C HIS A 255 0.93 -23.42 -4.80
N ASP A 256 0.80 -22.77 -5.95
CA ASP A 256 1.92 -22.04 -6.52
C ASP A 256 2.26 -20.81 -5.67
N VAL A 257 3.29 -20.96 -4.83
CA VAL A 257 3.74 -19.86 -3.99
C VAL A 257 4.39 -18.76 -4.84
N ALA A 258 5.06 -19.19 -5.91
CA ALA A 258 5.72 -18.25 -6.81
C ALA A 258 4.72 -17.36 -7.53
N LYS A 259 3.60 -17.95 -7.97
CA LYS A 259 2.53 -17.19 -8.61
C LYS A 259 1.88 -16.25 -7.61
N PHE A 260 1.76 -16.71 -6.36
CA PHE A 260 1.21 -15.90 -5.29
C PHE A 260 2.00 -14.60 -5.14
N TRP A 261 3.32 -14.72 -5.04
CA TRP A 261 4.18 -13.55 -4.90
C TRP A 261 4.16 -12.70 -6.16
N SER A 262 4.13 -13.34 -7.32
CA SER A 262 4.12 -12.63 -8.60
C SER A 262 2.85 -11.79 -8.76
N ASP A 263 1.71 -12.38 -8.42
CA ASP A 263 0.44 -11.66 -8.49
C ASP A 263 0.42 -10.50 -7.50
N ILE A 264 0.98 -10.71 -6.32
CA ILE A 264 1.09 -9.67 -5.32
C ILE A 264 1.98 -8.53 -5.80
N SER A 265 3.14 -8.89 -6.37
CA SER A 265 4.09 -7.90 -6.86
C SER A 265 3.51 -7.01 -7.95
N GLU A 266 2.87 -7.62 -8.94
CA GLU A 266 2.26 -6.86 -10.03
C GLU A 266 1.13 -5.98 -9.52
N LEU A 267 0.41 -6.46 -8.51
CA LEU A 267 -0.67 -5.71 -7.90
C LEU A 267 -0.15 -4.42 -7.30
N VAL A 268 0.96 -4.52 -6.58
CA VAL A 268 1.55 -3.38 -5.89
C VAL A 268 2.08 -2.33 -6.86
N VAL A 269 2.87 -2.77 -7.82
CA VAL A 269 3.45 -1.87 -8.82
C VAL A 269 2.36 -1.10 -9.56
N LYS A 270 1.39 -1.83 -10.09
CA LYS A 270 0.28 -1.22 -10.81
C LYS A 270 -0.54 -0.30 -9.91
N THR A 271 -0.53 -0.57 -8.62
CA THR A 271 -1.21 0.29 -7.64
C THR A 271 -0.40 1.57 -7.42
N LEU A 272 0.91 1.44 -7.32
CA LEU A 272 1.79 2.59 -7.17
C LEU A 272 1.88 3.39 -8.47
N ILE A 273 1.72 2.70 -9.59
CA ILE A 273 1.69 3.35 -10.90
C ILE A 273 0.56 4.37 -10.95
N VAL A 274 -0.59 4.00 -10.39
CA VAL A 274 -1.73 4.90 -10.30
C VAL A 274 -1.40 6.10 -9.42
N ALA A 275 -0.60 5.87 -8.39
CA ALA A 275 -0.26 6.92 -7.44
C ALA A 275 0.93 7.77 -7.91
N GLU A 276 1.76 7.19 -8.76
CA GLU A 276 2.99 7.83 -9.23
C GLU A 276 2.83 9.26 -9.78
N PRO A 277 1.84 9.49 -10.68
CA PRO A 277 1.75 10.87 -11.19
C PRO A 277 1.32 11.88 -10.12
N HIS A 278 0.56 11.41 -9.14
CA HIS A 278 0.16 12.27 -8.03
C HIS A 278 1.33 12.57 -7.12
N VAL A 279 2.13 11.55 -6.83
CA VAL A 279 3.26 11.69 -5.92
C VAL A 279 4.40 12.50 -6.55
N LEU A 280 4.69 12.22 -7.80
CA LEU A 280 5.79 12.87 -8.51
C LEU A 280 5.58 14.38 -8.60
N HIS A 281 4.37 14.79 -8.93
CA HIS A 281 4.04 16.20 -9.06
C HIS A 281 4.12 16.91 -7.69
N ALA A 282 3.52 16.30 -6.68
CA ALA A 282 3.52 16.86 -5.34
C ALA A 282 4.94 17.00 -4.81
N TYR A 283 5.77 15.99 -5.04
CA TYR A 283 7.15 15.99 -4.58
C TYR A 283 7.96 17.10 -5.24
N ARG A 284 7.79 17.25 -6.56
CA ARG A 284 8.56 18.22 -7.32
C ARG A 284 8.15 19.66 -7.00
N MET A 285 6.89 19.84 -6.60
N MET A 285 6.90 19.85 -6.58
CA MET A 285 6.40 21.15 -6.18
CA MET A 285 6.44 21.18 -6.19
C MET A 285 6.76 21.41 -4.73
C MET A 285 6.61 21.39 -4.69
N CYS A 286 7.01 20.34 -3.99
CA CYS A 286 7.40 20.44 -2.59
C CYS A 286 8.92 20.62 -2.50
N ARG A 287 9.61 20.07 -3.49
CA ARG A 287 11.07 20.10 -3.50
C ARG A 287 11.62 20.72 -4.79
N PRO A 288 11.51 22.07 -4.92
CA PRO A 288 12.01 22.75 -6.11
C PRO A 288 13.50 23.06 -6.03
N GLY A 289 14.15 22.60 -4.97
CA GLY A 289 15.57 22.85 -4.77
C GLY A 289 16.42 21.62 -4.99
N GLN A 290 15.83 20.59 -5.58
CA GLN A 290 16.55 19.36 -5.86
C GLN A 290 17.11 19.37 -7.28
N PRO A 291 18.45 19.23 -7.39
CA PRO A 291 19.12 19.07 -8.69
C PRO A 291 18.52 17.89 -9.48
N PRO A 292 18.68 17.90 -10.82
CA PRO A 292 18.06 16.91 -11.71
C PRO A 292 18.23 15.46 -11.28
N GLY A 293 19.39 15.11 -10.75
CA GLY A 293 19.65 13.74 -10.34
C GLY A 293 19.74 13.54 -8.84
N SER A 294 19.25 14.52 -8.08
CA SER A 294 19.32 14.47 -6.62
C SER A 294 18.51 13.30 -6.07
N GLU A 295 19.10 12.56 -5.15
CA GLU A 295 18.47 11.37 -4.58
C GLU A 295 17.24 11.74 -3.77
N SER A 296 16.30 10.81 -3.66
CA SER A 296 15.02 11.05 -3.01
C SER A 296 15.15 11.45 -1.54
N VAL A 297 14.44 12.49 -1.17
CA VAL A 297 14.38 12.94 0.23
C VAL A 297 13.33 12.09 0.96
N CYS A 298 12.35 11.61 0.21
CA CYS A 298 11.25 10.83 0.78
C CYS A 298 11.38 9.33 0.53
N PHE A 299 11.02 8.55 1.53
CA PHE A 299 10.77 7.11 1.39
C PHE A 299 9.49 6.82 2.14
N GLU A 300 8.95 5.62 2.02
CA GLU A 300 7.71 5.29 2.74
C GLU A 300 7.43 3.80 2.85
N VAL A 301 7.01 3.38 4.04
CA VAL A 301 6.59 2.00 4.28
C VAL A 301 5.07 1.93 4.28
N LEU A 302 4.50 1.34 3.23
CA LEU A 302 3.05 1.26 3.09
C LEU A 302 2.50 -0.11 3.47
N GLY A 303 1.34 -0.11 4.12
CA GLY A 303 0.68 -1.34 4.52
C GLY A 303 -0.49 -1.67 3.62
N PHE A 304 -0.29 -2.63 2.73
CA PHE A 304 -1.35 -3.07 1.83
C PHE A 304 -2.23 -4.12 2.49
N ASP A 305 -3.53 -3.83 2.57
CA ASP A 305 -4.50 -4.82 3.03
C ASP A 305 -5.09 -5.53 1.81
N ILE A 306 -4.90 -6.84 1.75
CA ILE A 306 -5.23 -7.62 0.56
C ILE A 306 -6.00 -8.90 0.89
N LEU A 307 -7.05 -9.18 0.12
CA LEU A 307 -7.84 -10.39 0.29
C LEU A 307 -7.73 -11.30 -0.93
N LEU A 308 -7.42 -12.57 -0.69
CA LEU A 308 -7.37 -13.57 -1.76
C LEU A 308 -8.71 -14.27 -1.89
N ASP A 309 -9.17 -14.48 -3.12
CA ASP A 309 -10.39 -15.25 -3.34
C ASP A 309 -10.06 -16.74 -3.43
N ARG A 310 -11.07 -17.56 -3.70
CA ARG A 310 -10.89 -19.01 -3.75
C ARG A 310 -9.86 -19.41 -4.80
N LYS A 311 -9.77 -18.65 -5.88
CA LYS A 311 -8.81 -18.93 -6.94
C LYS A 311 -7.46 -18.29 -6.66
N LEU A 312 -7.24 -17.92 -5.40
CA LEU A 312 -6.00 -17.30 -4.95
C LEU A 312 -5.65 -16.04 -5.73
N LYS A 313 -6.66 -15.31 -6.18
CA LYS A 313 -6.44 -14.03 -6.83
C LYS A 313 -6.45 -12.92 -5.77
N PRO A 314 -5.36 -12.15 -5.70
CA PRO A 314 -5.25 -11.06 -4.72
C PRO A 314 -6.09 -9.84 -5.06
N TRP A 315 -6.94 -9.43 -4.14
CA TRP A 315 -7.77 -8.24 -4.31
C TRP A 315 -7.27 -7.14 -3.38
N LEU A 316 -7.19 -5.91 -3.90
CA LEU A 316 -6.77 -4.77 -3.10
C LEU A 316 -7.95 -4.21 -2.31
N LEU A 317 -7.75 -4.01 -1.01
CA LEU A 317 -8.77 -3.44 -0.15
C LEU A 317 -8.45 -2.00 0.22
N GLN A 318 -7.26 -1.80 0.78
CA GLN A 318 -6.83 -0.45 1.15
C GLN A 318 -5.32 -0.36 1.25
N ILE A 319 -4.80 0.87 1.24
CA ILE A 319 -3.40 1.13 1.48
C ILE A 319 -3.26 2.02 2.71
N ASN A 320 -2.51 1.54 3.70
CA ASN A 320 -2.33 2.29 4.94
C ASN A 320 -0.93 2.90 5.01
N ARG A 321 -0.87 4.22 4.93
CA ARG A 321 0.40 4.94 4.97
C ARG A 321 0.89 5.09 6.41
N ALA A 322 0.01 4.80 7.36
CA ALA A 322 0.36 4.83 8.77
C ALA A 322 -0.06 3.54 9.48
N PRO A 323 0.52 2.39 9.07
CA PRO A 323 0.13 1.13 9.70
C PRO A 323 0.73 0.99 11.10
N SER A 324 0.00 0.32 11.99
CA SER A 324 0.47 0.13 13.35
C SER A 324 1.73 -0.73 13.38
N PHE A 325 2.76 -0.20 14.04
CA PHE A 325 3.99 -0.96 14.23
C PHE A 325 4.07 -1.45 15.67
N GLY A 326 2.90 -1.57 16.30
CA GLY A 326 2.82 -2.07 17.65
C GLY A 326 3.31 -3.50 17.73
N THR A 327 3.84 -3.88 18.88
CA THR A 327 4.37 -5.23 19.07
C THR A 327 3.91 -5.81 20.41
N ASP A 328 2.81 -6.55 20.38
CA ASP A 328 2.30 -7.22 21.58
C ASP A 328 2.56 -8.73 21.50
N GLN A 329 2.83 -9.20 20.29
CA GLN A 329 3.06 -10.62 20.05
C GLN A 329 4.38 -10.83 19.30
N LYS A 330 4.87 -12.07 19.31
CA LYS A 330 6.16 -12.37 18.70
C LYS A 330 6.13 -12.27 17.18
N ILE A 331 4.99 -12.63 16.59
CA ILE A 331 4.81 -12.52 15.16
C ILE A 331 4.94 -11.06 14.73
N ASP A 332 4.34 -10.17 15.49
CA ASP A 332 4.44 -8.74 15.23
C ASP A 332 5.88 -8.26 15.34
N TYR A 333 6.61 -8.78 16.33
CA TYR A 333 7.99 -8.36 16.56
C TYR A 333 8.89 -8.69 15.37
N ASP A 334 9.08 -9.99 15.09
CA ASP A 334 9.98 -10.46 14.04
C ASP A 334 9.69 -9.83 12.67
N VAL A 335 8.41 -9.80 12.30
CA VAL A 335 8.03 -9.28 10.99
C VAL A 335 8.26 -7.78 10.89
N LYS A 336 7.66 -7.02 11.81
CA LYS A 336 7.72 -5.57 11.76
C LYS A 336 9.14 -5.03 12.01
N ARG A 337 9.89 -5.67 12.90
CA ARG A 337 11.28 -5.29 13.10
C ARG A 337 12.06 -5.51 11.81
N GLY A 338 11.80 -6.65 11.16
CA GLY A 338 12.45 -6.95 9.90
C GLY A 338 12.05 -6.00 8.80
N VAL A 339 10.79 -5.54 8.84
CA VAL A 339 10.30 -4.58 7.87
C VAL A 339 11.02 -3.24 8.02
N LEU A 340 11.07 -2.75 9.26
CA LEU A 340 11.68 -1.46 9.56
C LEU A 340 13.20 -1.47 9.42
N LEU A 341 13.83 -2.49 10.00
CA LEU A 341 15.29 -2.59 10.01
C LEU A 341 15.88 -2.67 8.61
N ASN A 342 15.30 -3.53 7.78
CA ASN A 342 15.78 -3.73 6.42
C ASN A 342 15.48 -2.53 5.53
N ALA A 343 14.44 -1.78 5.87
CA ALA A 343 14.09 -0.58 5.12
C ALA A 343 15.16 0.49 5.28
N LEU A 344 15.61 0.68 6.53
CA LEU A 344 16.66 1.65 6.82
C LEU A 344 17.99 1.19 6.24
N LYS A 345 18.18 -0.11 6.16
CA LYS A 345 19.36 -0.69 5.53
C LYS A 345 19.45 -0.32 4.06
N LEU A 346 18.30 -0.40 3.37
CA LEU A 346 18.24 -0.10 1.94
C LEU A 346 18.44 1.39 1.66
N LEU A 347 18.00 2.23 2.58
CA LEU A 347 18.19 3.67 2.45
C LEU A 347 19.68 4.01 2.45
N ASN A 348 20.43 3.25 3.24
CA ASN A 348 21.89 3.40 3.32
C ASN A 348 22.29 4.83 3.68
N ILE A 349 21.73 5.32 4.77
CA ILE A 349 21.97 6.70 5.22
C ILE A 349 23.40 6.88 5.72
N ARG A 350 24.16 7.71 5.02
CA ARG A 350 25.55 7.94 5.35
C ARG A 350 25.80 9.41 5.69
N THR A 351 27.02 9.87 5.45
CA THR A 351 27.37 11.27 5.65
C THR A 351 27.79 11.93 4.34
N MET A 420 18.88 -5.34 1.86
CA MET A 420 17.61 -5.86 1.37
C MET A 420 17.05 -6.92 2.31
N GLY A 421 17.85 -7.95 2.56
CA GLY A 421 17.45 -9.02 3.45
C GLY A 421 16.22 -9.76 2.97
N ASN A 422 15.06 -9.38 3.52
CA ASN A 422 13.81 -10.01 3.14
C ASN A 422 13.00 -9.11 2.21
N TYR A 423 13.69 -8.17 1.58
CA TYR A 423 13.08 -7.29 0.59
C TYR A 423 13.43 -7.74 -0.82
N ARG A 424 12.47 -7.62 -1.74
CA ARG A 424 12.71 -7.93 -3.15
C ARG A 424 12.21 -6.77 -4.00
N ARG A 425 13.08 -6.24 -4.86
CA ARG A 425 12.70 -5.11 -5.71
C ARG A 425 11.74 -5.56 -6.81
N ILE A 426 10.52 -5.01 -6.78
CA ILE A 426 9.51 -5.35 -7.76
C ILE A 426 9.40 -4.27 -8.83
N TYR A 427 10.06 -3.14 -8.60
CA TYR A 427 10.19 -2.09 -9.61
C TYR A 427 11.47 -1.30 -9.40
N PRO A 428 12.28 -1.17 -10.47
CA PRO A 428 12.03 -1.75 -11.79
C PRO A 428 12.34 -3.25 -11.85
N PRO A 429 11.45 -4.02 -12.49
CA PRO A 429 11.60 -5.48 -12.59
C PRO A 429 12.76 -5.87 -13.49
N GLU A 430 13.37 -7.02 -13.21
CA GLU A 430 14.48 -7.52 -14.02
C GLU A 430 13.98 -7.99 -15.38
N ASP A 431 12.68 -8.27 -15.46
CA ASP A 431 12.05 -8.69 -16.72
C ASP A 431 11.79 -7.49 -17.62
N LYS A 432 12.34 -7.54 -18.83
CA LYS A 432 12.21 -6.44 -19.77
C LYS A 432 10.77 -6.28 -20.27
N ALA A 433 10.12 -7.39 -20.56
CA ALA A 433 8.76 -7.38 -21.08
C ALA A 433 7.78 -6.78 -20.07
N LEU A 434 7.95 -7.15 -18.80
CA LEU A 434 7.07 -6.64 -17.74
C LEU A 434 7.31 -5.14 -17.52
N LEU A 435 8.56 -4.72 -17.64
CA LEU A 435 8.92 -3.32 -17.50
C LEU A 435 8.25 -2.48 -18.58
N GLU A 436 8.19 -3.02 -19.79
CA GLU A 436 7.55 -2.35 -20.91
C GLU A 436 6.06 -2.13 -20.63
N LYS A 437 5.42 -3.14 -20.07
CA LYS A 437 4.00 -3.06 -19.72
C LYS A 437 3.77 -2.01 -18.65
N TYR A 438 4.68 -1.95 -17.67
CA TYR A 438 4.59 -0.98 -16.59
C TYR A 438 4.74 0.45 -17.10
N GLU A 439 5.71 0.66 -17.99
CA GLU A 439 5.95 1.98 -18.55
C GLU A 439 4.80 2.42 -19.46
N ASN A 440 4.10 1.45 -20.03
CA ASN A 440 2.90 1.73 -20.81
C ASN A 440 1.77 2.18 -19.90
N LEU A 441 1.65 1.54 -18.74
CA LEU A 441 0.64 1.91 -17.75
C LEU A 441 0.93 3.27 -17.16
N LEU A 442 2.22 3.54 -16.91
CA LEU A 442 2.65 4.84 -16.40
C LEU A 442 2.32 5.94 -17.41
N ALA A 443 2.45 5.63 -18.69
CA ALA A 443 2.11 6.57 -19.75
C ALA A 443 0.62 6.88 -19.73
N VAL A 444 -0.18 5.87 -19.42
CA VAL A 444 -1.63 6.03 -19.31
C VAL A 444 -1.98 6.76 -18.01
N ALA A 445 -1.28 6.39 -16.93
CA ALA A 445 -1.51 6.99 -15.62
C ALA A 445 -1.29 8.50 -15.64
N PHE A 446 -0.16 8.92 -16.21
CA PHE A 446 0.16 10.34 -16.31
C PHE A 446 -0.79 11.06 -17.26
N GLN A 447 -1.24 10.35 -18.30
CA GLN A 447 -2.18 10.92 -19.26
C GLN A 447 -3.55 11.08 -18.62
N THR A 448 -3.98 10.08 -17.86
CA THR A 448 -5.22 10.13 -17.12
C THR A 448 -5.13 11.20 -16.04
N PHE A 449 -3.92 11.39 -15.51
CA PHE A 449 -3.66 12.37 -14.47
C PHE A 449 -3.95 13.79 -14.93
N LEU A 450 -3.47 14.14 -16.12
CA LEU A 450 -3.65 15.47 -16.67
C LEU A 450 -5.11 15.78 -16.99
N SER A 451 -5.85 14.75 -17.39
CA SER A 451 -7.25 14.91 -17.76
C SER A 451 -8.10 15.38 -16.59
N GLY A 452 -7.91 14.76 -15.44
CA GLY A 452 -8.67 15.10 -14.24
C GLY A 452 -8.35 16.49 -13.72
N ARG A 453 -7.06 16.78 -13.54
CA ARG A 453 -6.65 18.06 -12.98
C ARG A 453 -6.73 19.17 -14.03
PB ADP B . -10.17 -2.30 9.20
O1B ADP B . -9.36 -1.15 9.69
O2B ADP B . -9.35 -3.51 9.27
O3B ADP B . -11.36 -2.46 10.03
PA ADP B . -12.05 -2.32 7.17
O1A ADP B . -13.08 -1.41 7.92
O2A ADP B . -12.10 -2.00 5.67
O3A ADP B . -10.58 -2.05 7.71
O5' ADP B . -12.44 -3.90 7.41
C5' ADP B . -11.82 -4.89 6.60
C4' ADP B . -12.47 -6.13 6.75
O4' ADP B . -13.61 -6.26 5.73
C3' ADP B . -11.47 -7.31 6.42
O3' ADP B . -11.72 -8.48 7.35
C2' ADP B . -11.74 -7.64 5.23
O2' ADP B . -11.45 -9.04 5.02
C1' ADP B . -13.34 -7.36 5.06
N9 ADP B . -13.70 -7.29 3.68
C8 ADP B . -13.48 -5.94 3.58
N7 ADP B . -13.76 -5.58 2.31
C5 ADP B . -14.15 -6.70 1.61
C6 ADP B . -14.55 -6.89 0.27
N6 ADP B . -14.68 -5.99 -0.83
N1 ADP B . -14.88 -8.12 -0.16
C2 ADP B . -14.84 -9.20 0.72
N3 ADP B . -14.46 -9.01 2.02
C4 ADP B . -14.11 -7.75 2.47
#